data_8E6C
#
_entry.id   8E6C
#
_cell.length_a   100.960
_cell.length_b   57.400
_cell.length_c   49.750
_cell.angle_alpha   90.000
_cell.angle_beta   112.420
_cell.angle_gamma   90.000
#
_symmetry.space_group_name_H-M   'C 1 2 1'
#
loop_
_entity.id
_entity.type
_entity.pdbx_description
1 polymer 'Orf1a protein'
2 non-polymer '[2-(3-fluorophenyl)sulfanyl-2-methyl-propyl] ~{N}-[(2~{S})-1-[[3-[(3~{S})-2-$l^{3}-oxidanylidenepyrrolidin-3-yl]-1-$l^{1}-oxidanylsulfonyl-1-oxidanyl-propan-2-yl]-$l^{2}-azanyl]-4-methyl-1-oxidanylidene-pentan-2-yl]carbamate'
3 water water
#
_entity_poly.entity_id   1
_entity_poly.type   'polypeptide(L)'
_entity_poly.pdbx_seq_one_letter_code
;MHHHHHHSGLVKMSHPSGDVEACMVQVTCGSMTLNGLWLDNTVWCPRHVMCPADQLSDPNYDALLISMTNHSFSVQKHIG
APANLRVVGHAMQGTLLKLTVDVANPSTPAYTFTTVKPGAAFSVLACYNGRPTGTFTVVMRPNYTIKGSFLCGSCGSVGY
TKEGSVINFCYMHQMELANGTHTGSAFDGTMYGAFMDKQVHQVQLTDKYCSVNVVAWLYAAILNGCAWFVKPNRTSVVSF
NEWALANQFTEFVGTQSVDMLAVKTGVAIEQLLYAIQQLYTGFQGKQILGSTMLEDEFTPEDVNMQIMGVVMQ
;
_entity_poly.pdbx_strand_id   A
#
# COMPACT_ATOMS: atom_id res chain seq x y z
N HIS A 6 9.34 -7.71 27.00
CA HIS A 6 8.72 -8.82 26.28
C HIS A 6 8.35 -8.40 24.86
N HIS A 7 8.90 -9.11 23.88
CA HIS A 7 8.61 -8.80 22.48
C HIS A 7 7.24 -9.32 22.08
N SER A 8 6.51 -8.52 21.31
CA SER A 8 5.15 -8.87 20.93
C SER A 8 5.09 -10.02 19.95
N GLY A 9 6.17 -10.30 19.23
CA GLY A 9 6.12 -11.26 18.15
C GLY A 9 5.58 -10.71 16.85
N LEU A 10 5.35 -9.40 16.76
CA LEU A 10 4.79 -8.76 15.59
C LEU A 10 5.89 -7.95 14.90
N VAL A 11 6.11 -8.22 13.62
CA VAL A 11 7.08 -7.49 12.81
C VAL A 11 6.41 -7.07 11.51
N LYS A 12 7.01 -6.09 10.84
CA LYS A 12 6.54 -5.68 9.52
C LYS A 12 6.88 -6.77 8.53
N MET A 13 5.90 -7.62 8.22
CA MET A 13 6.11 -8.80 7.42
C MET A 13 5.62 -8.57 6.00
N SER A 14 6.48 -8.86 5.03
CA SER A 14 6.15 -8.77 3.62
C SER A 14 6.03 -10.16 3.02
N HIS A 15 5.22 -10.27 1.98
CA HIS A 15 5.10 -11.52 1.25
C HIS A 15 6.42 -11.86 0.57
N PRO A 16 6.68 -13.14 0.31
CA PRO A 16 7.80 -13.49 -0.56
C PRO A 16 7.65 -12.82 -1.92
N SER A 17 8.74 -12.24 -2.41
CA SER A 17 8.71 -11.43 -3.62
C SER A 17 9.16 -12.19 -4.86
N GLY A 18 9.49 -13.47 -4.73
CA GLY A 18 10.07 -14.19 -5.86
C GLY A 18 9.16 -14.23 -7.07
N ASP A 19 7.86 -14.39 -6.85
CA ASP A 19 6.92 -14.43 -7.97
C ASP A 19 6.87 -13.09 -8.70
N VAL A 20 6.92 -11.98 -7.95
CA VAL A 20 6.82 -10.67 -8.58
C VAL A 20 8.13 -10.24 -9.23
N GLU A 21 9.27 -10.64 -8.65
CA GLU A 21 10.57 -10.27 -9.24
C GLU A 21 10.69 -10.78 -10.68
N ALA A 22 10.10 -11.94 -10.98
CA ALA A 22 10.14 -12.47 -12.34
C ALA A 22 9.32 -11.65 -13.31
N CYS A 23 8.45 -10.76 -12.83
CA CYS A 23 7.61 -9.94 -13.68
C CYS A 23 8.12 -8.50 -13.81
N MET A 24 9.31 -8.21 -13.28
CA MET A 24 9.85 -6.86 -13.29
C MET A 24 10.71 -6.64 -14.52
N VAL A 25 10.46 -5.55 -15.24
CA VAL A 25 11.20 -5.19 -16.43
C VAL A 25 11.56 -3.71 -16.37
N GLN A 26 12.48 -3.31 -17.25
CA GLN A 26 12.89 -1.93 -17.40
C GLN A 26 12.25 -1.35 -18.65
N VAL A 27 11.63 -0.17 -18.51
CA VAL A 27 10.95 0.50 -19.61
C VAL A 27 11.59 1.86 -19.81
N THR A 28 12.01 2.15 -21.04
CA THR A 28 12.59 3.44 -21.40
C THR A 28 11.89 3.96 -22.64
N CYS A 29 11.45 5.22 -22.58
CA CYS A 29 10.75 5.88 -23.68
C CYS A 29 11.45 7.18 -24.04
N GLY A 30 12.76 7.10 -24.22
CA GLY A 30 13.56 8.27 -24.49
C GLY A 30 14.60 8.52 -23.43
N SER A 31 14.55 9.69 -22.80
CA SER A 31 15.53 10.08 -21.79
C SER A 31 15.18 9.62 -20.38
N MET A 32 14.04 8.96 -20.20
CA MET A 32 13.59 8.53 -18.88
C MET A 32 13.42 7.02 -18.84
N THR A 33 13.93 6.41 -17.78
CA THR A 33 13.81 4.98 -17.56
C THR A 33 13.12 4.73 -16.22
N LEU A 34 12.33 3.66 -16.16
CA LEU A 34 11.60 3.27 -14.96
C LEU A 34 11.27 1.78 -15.06
N ASN A 35 10.50 1.29 -14.11
CA ASN A 35 10.20 -0.13 -14.01
C ASN A 35 8.81 -0.44 -14.56
N GLY A 36 8.64 -1.68 -15.03
CA GLY A 36 7.38 -2.12 -15.56
C GLY A 36 7.02 -3.50 -15.05
N LEU A 37 5.73 -3.80 -15.10
CA LEU A 37 5.19 -5.09 -14.69
C LEU A 37 4.83 -5.90 -15.92
N TRP A 38 5.48 -7.05 -16.09
CA TRP A 38 5.30 -7.90 -17.27
C TRP A 38 4.42 -9.08 -16.88
N LEU A 39 3.15 -9.03 -17.27
CA LEU A 39 2.19 -10.10 -17.06
C LEU A 39 1.61 -10.49 -18.41
N ASP A 40 1.80 -11.76 -18.79
CA ASP A 40 1.36 -12.28 -20.09
C ASP A 40 2.03 -11.44 -21.17
N ASN A 41 1.31 -11.00 -22.21
CA ASN A 41 1.89 -10.19 -23.28
C ASN A 41 1.67 -8.70 -23.05
N THR A 42 1.50 -8.28 -21.80
CA THR A 42 1.23 -6.88 -21.47
C THR A 42 2.27 -6.40 -20.46
N VAL A 43 2.85 -5.24 -20.72
CA VAL A 43 3.79 -4.59 -19.81
C VAL A 43 3.13 -3.31 -19.31
N TRP A 44 2.85 -3.26 -18.01
CA TRP A 44 2.30 -2.07 -17.39
C TRP A 44 3.44 -1.22 -16.83
N CYS A 45 3.33 0.09 -17.00
CA CYS A 45 4.32 1.02 -16.47
C CYS A 45 3.67 2.38 -16.33
N PRO A 46 4.22 3.25 -15.46
CA PRO A 46 3.69 4.61 -15.34
C PRO A 46 3.82 5.37 -16.65
N ARG A 47 2.87 6.27 -16.90
CA ARG A 47 2.79 6.94 -18.19
C ARG A 47 3.70 8.16 -18.31
N HIS A 48 4.32 8.61 -17.23
CA HIS A 48 5.26 9.73 -17.33
C HIS A 48 6.62 9.30 -17.85
N VAL A 49 6.76 8.05 -18.30
CA VAL A 49 7.97 7.62 -18.98
C VAL A 49 8.09 8.32 -20.33
N MET A 50 6.96 8.68 -20.95
CA MET A 50 6.96 9.42 -22.21
C MET A 50 7.28 10.90 -22.01
N CYS A 51 7.22 11.38 -20.78
CA CYS A 51 7.35 12.82 -20.52
CA CYS A 51 7.35 12.82 -20.52
C CYS A 51 8.80 13.25 -20.63
N PRO A 52 9.12 14.25 -21.44
CA PRO A 52 10.45 14.86 -21.39
C PRO A 52 10.61 15.61 -20.07
N ALA A 53 11.87 15.75 -19.66
CA ALA A 53 12.17 16.30 -18.33
C ALA A 53 11.67 17.73 -18.15
N ASP A 54 11.47 18.47 -19.24
CA ASP A 54 11.06 19.87 -19.17
C ASP A 54 9.55 20.06 -19.08
N GLN A 55 8.77 18.97 -19.10
CA GLN A 55 7.31 19.08 -19.08
C GLN A 55 6.68 18.24 -17.97
N LEU A 56 7.46 17.83 -16.97
CA LEU A 56 6.93 17.00 -15.90
C LEU A 56 5.91 17.74 -15.05
N SER A 57 6.04 19.07 -14.96
CA SER A 57 5.15 19.84 -14.09
C SER A 57 3.71 19.82 -14.59
N ASP A 58 3.52 19.94 -15.90
CA ASP A 58 2.18 19.93 -16.49
C ASP A 58 2.24 19.27 -17.86
N PRO A 59 2.20 17.94 -17.89
CA PRO A 59 2.30 17.22 -19.17
C PRO A 59 0.95 16.95 -19.81
N ASN A 60 0.93 17.02 -21.14
CA ASN A 60 -0.23 16.61 -21.94
C ASN A 60 0.02 15.18 -22.39
N TYR A 61 -0.48 14.21 -21.61
CA TYR A 61 -0.23 12.81 -21.91
C TYR A 61 -0.93 12.36 -23.18
N ASP A 62 -2.11 12.92 -23.48
CA ASP A 62 -2.83 12.55 -24.69
C ASP A 62 -2.02 12.88 -25.94
N ALA A 63 -1.43 14.08 -25.97
CA ALA A 63 -0.59 14.46 -27.11
C ALA A 63 0.69 13.63 -27.14
N LEU A 64 1.28 13.38 -25.96
CA LEU A 64 2.50 12.58 -25.91
C LEU A 64 2.25 11.16 -26.41
N LEU A 65 1.13 10.56 -26.02
CA LEU A 65 0.81 9.19 -26.45
C LEU A 65 0.70 9.11 -27.96
N ILE A 66 0.07 10.11 -28.58
CA ILE A 66 -0.02 10.13 -30.04
C ILE A 66 1.37 10.30 -30.65
N SER A 67 2.23 11.07 -30.00
CA SER A 67 3.60 11.25 -30.48
C SER A 67 4.42 9.97 -30.41
N MET A 68 3.98 8.98 -29.64
CA MET A 68 4.72 7.74 -29.50
C MET A 68 4.34 6.74 -30.60
N THR A 69 5.26 5.84 -30.89
CA THR A 69 5.03 4.71 -31.76
C THR A 69 5.29 3.42 -30.97
N ASN A 70 5.16 2.29 -31.66
CA ASN A 70 5.46 1.00 -31.06
C ASN A 70 6.95 0.87 -30.77
N HIS A 71 7.79 1.43 -31.64
CA HIS A 71 9.24 1.41 -31.46
C HIS A 71 9.73 2.52 -30.55
N SER A 72 8.83 3.24 -29.87
CA SER A 72 9.23 4.30 -28.95
C SER A 72 9.45 3.79 -27.53
N PHE A 73 8.99 2.59 -27.21
CA PHE A 73 9.14 2.02 -25.88
C PHE A 73 10.14 0.88 -25.94
N SER A 74 11.19 0.96 -25.13
CA SER A 74 12.20 -0.08 -25.02
C SER A 74 11.98 -0.82 -23.70
N VAL A 75 11.70 -2.12 -23.80
CA VAL A 75 11.43 -2.96 -22.64
C VAL A 75 12.54 -4.00 -22.53
N GLN A 76 13.19 -4.06 -21.36
CA GLN A 76 14.31 -4.95 -21.14
C GLN A 76 14.16 -5.65 -19.80
N LYS A 77 14.51 -6.93 -19.77
CA LYS A 77 14.58 -7.71 -18.55
C LYS A 77 16.03 -8.10 -18.29
N HIS A 78 16.47 -7.90 -17.05
CA HIS A 78 17.86 -8.18 -16.68
C HIS A 78 17.95 -9.41 -15.79
N ALA A 83 17.17 -10.05 -21.57
CA ALA A 83 16.14 -10.15 -22.59
C ALA A 83 15.54 -8.78 -22.89
N ASN A 84 15.42 -8.45 -24.17
CA ASN A 84 14.84 -7.20 -24.63
C ASN A 84 13.50 -7.50 -25.31
N LEU A 85 12.46 -6.78 -24.91
CA LEU A 85 11.10 -7.06 -25.34
C LEU A 85 10.68 -6.06 -26.41
N ARG A 86 10.25 -6.57 -27.56
CA ARG A 86 9.72 -5.74 -28.62
C ARG A 86 8.27 -5.37 -28.32
N VAL A 87 7.91 -4.12 -28.57
CA VAL A 87 6.57 -3.63 -28.29
C VAL A 87 5.74 -3.73 -29.56
N VAL A 88 4.67 -4.51 -29.51
CA VAL A 88 3.76 -4.69 -30.62
C VAL A 88 2.45 -3.94 -30.44
N GLY A 89 2.30 -3.20 -29.36
CA GLY A 89 1.14 -2.37 -29.13
C GLY A 89 1.28 -1.49 -27.91
N HIS A 90 0.65 -0.33 -27.91
CA HIS A 90 0.70 0.58 -26.78
C HIS A 90 -0.64 1.25 -26.58
N ALA A 91 -1.04 1.41 -25.32
CA ALA A 91 -2.28 2.08 -24.97
C ALA A 91 -2.12 2.69 -23.58
N MET A 92 -2.97 3.67 -23.28
CA MET A 92 -2.93 4.38 -22.01
C MET A 92 -4.29 4.28 -21.32
N GLN A 93 -4.28 3.83 -20.08
CA GLN A 93 -5.47 3.79 -19.24
C GLN A 93 -5.19 4.62 -17.98
N GLY A 94 -5.84 5.76 -17.88
CA GLY A 94 -5.63 6.63 -16.72
C GLY A 94 -4.18 7.09 -16.66
N THR A 95 -3.53 6.83 -15.53
CA THR A 95 -2.14 7.23 -15.32
C THR A 95 -1.17 6.08 -15.58
N LEU A 96 -1.59 5.05 -16.31
CA LEU A 96 -0.76 3.90 -16.59
C LEU A 96 -0.72 3.64 -18.09
N LEU A 97 0.39 3.05 -18.55
CA LEU A 97 0.57 2.67 -19.93
C LEU A 97 0.43 1.16 -20.07
N LYS A 98 -0.30 0.72 -21.09
CA LYS A 98 -0.53 -0.69 -21.37
C LYS A 98 0.22 -1.03 -22.67
N LEU A 99 1.46 -1.49 -22.51
CA LEU A 99 2.30 -1.85 -23.65
C LEU A 99 2.18 -3.34 -23.94
N THR A 100 1.90 -3.67 -25.20
CA THR A 100 1.76 -5.06 -25.63
C THR A 100 3.07 -5.53 -26.25
N VAL A 101 3.51 -6.73 -25.86
CA VAL A 101 4.76 -7.29 -26.33
C VAL A 101 4.48 -8.62 -27.01
N ASP A 102 5.39 -9.01 -27.90
CA ASP A 102 5.21 -10.24 -28.68
C ASP A 102 5.50 -11.50 -27.88
N VAL A 103 6.09 -11.38 -26.70
CA VAL A 103 6.47 -12.52 -25.87
C VAL A 103 5.71 -12.43 -24.56
N ALA A 104 5.07 -13.54 -24.18
CA ALA A 104 4.39 -13.64 -22.89
C ALA A 104 5.38 -14.08 -21.82
N ASN A 105 5.24 -13.51 -20.62
CA ASN A 105 6.12 -13.86 -19.51
C ASN A 105 5.89 -15.31 -19.12
N PRO A 106 6.89 -16.18 -19.32
CA PRO A 106 6.72 -17.59 -18.95
C PRO A 106 6.54 -17.81 -17.47
N SER A 107 6.95 -16.86 -16.63
CA SER A 107 6.81 -16.96 -15.18
C SER A 107 5.65 -16.12 -14.67
N THR A 108 4.63 -15.90 -15.49
CA THR A 108 3.46 -15.14 -15.06
C THR A 108 2.72 -15.91 -13.99
N PRO A 109 2.50 -15.34 -12.81
CA PRO A 109 1.73 -16.05 -11.78
C PRO A 109 0.24 -15.82 -11.95
N ALA A 110 -0.54 -16.67 -11.29
CA ALA A 110 -1.96 -16.42 -11.17
C ALA A 110 -2.17 -15.11 -10.43
N TYR A 111 -2.90 -14.19 -11.05
CA TYR A 111 -2.95 -12.83 -10.51
C TYR A 111 -4.31 -12.21 -10.79
N THR A 112 -4.66 -11.24 -9.95
CA THR A 112 -5.82 -10.37 -10.14
C THR A 112 -5.39 -8.93 -9.91
N PHE A 113 -6.24 -8.00 -10.31
CA PHE A 113 -6.05 -6.59 -10.03
C PHE A 113 -7.11 -6.12 -9.04
N THR A 114 -6.67 -5.53 -7.95
CA THR A 114 -7.57 -5.12 -6.88
C THR A 114 -7.18 -3.72 -6.40
N THR A 115 -8.12 -3.06 -5.75
CA THR A 115 -7.89 -1.76 -5.13
C THR A 115 -7.80 -1.94 -3.62
N VAL A 116 -6.75 -1.41 -3.03
CA VAL A 116 -6.54 -1.50 -1.59
C VAL A 116 -7.16 -0.28 -0.92
N LYS A 117 -7.73 -0.50 0.26
CA LYS A 117 -8.46 0.51 0.99
C LYS A 117 -7.66 1.00 2.19
N PRO A 118 -7.97 2.18 2.73
CA PRO A 118 -7.24 2.67 3.90
C PRO A 118 -7.33 1.70 5.06
N GLY A 119 -6.20 1.53 5.74
CA GLY A 119 -6.08 0.59 6.83
C GLY A 119 -5.60 -0.79 6.44
N ALA A 120 -5.67 -1.13 5.16
CA ALA A 120 -5.21 -2.43 4.68
C ALA A 120 -3.72 -2.36 4.34
N ALA A 121 -3.06 -3.51 4.44
CA ALA A 121 -1.62 -3.60 4.25
C ALA A 121 -1.31 -4.38 2.98
N PHE A 122 -0.33 -3.89 2.22
CA PHE A 122 0.14 -4.56 1.02
C PHE A 122 1.67 -4.51 0.97
N SER A 123 2.26 -5.48 0.29
CA SER A 123 3.70 -5.58 0.19
C SER A 123 4.18 -4.87 -1.07
N VAL A 124 5.33 -4.21 -0.96
CA VAL A 124 5.90 -3.42 -2.05
C VAL A 124 7.26 -4.00 -2.43
N LEU A 125 7.49 -4.13 -3.74
CA LEU A 125 8.77 -4.57 -4.28
C LEU A 125 9.44 -3.35 -4.92
N ALA A 126 10.43 -2.79 -4.23
CA ALA A 126 11.14 -1.63 -4.74
C ALA A 126 12.13 -2.05 -5.81
N CYS A 127 12.07 -1.41 -6.97
CA CYS A 127 12.90 -1.77 -8.11
C CYS A 127 13.52 -0.52 -8.72
N TYR A 128 14.70 -0.70 -9.31
CA TYR A 128 15.40 0.37 -10.00
C TYR A 128 16.03 -0.19 -11.27
N ASN A 129 15.78 0.46 -12.39
CA ASN A 129 16.26 0.00 -13.71
C ASN A 129 15.78 -1.42 -14.02
N GLY A 130 14.61 -1.79 -13.50
CA GLY A 130 14.07 -3.11 -13.72
C GLY A 130 14.64 -4.19 -12.82
N ARG A 131 15.50 -3.85 -11.87
CA ARG A 131 16.13 -4.80 -10.99
C ARG A 131 15.55 -4.68 -9.59
N PRO A 132 14.93 -5.72 -9.04
CA PRO A 132 14.42 -5.63 -7.66
C PRO A 132 15.55 -5.33 -6.69
N THR A 133 15.29 -4.39 -5.77
CA THR A 133 16.28 -3.95 -4.81
CA THR A 133 16.28 -3.94 -4.80
C THR A 133 15.90 -4.25 -3.37
N GLY A 134 14.62 -4.16 -3.02
CA GLY A 134 14.19 -4.46 -1.67
C GLY A 134 12.69 -4.61 -1.62
N THR A 135 12.22 -5.13 -0.49
CA THR A 135 10.79 -5.32 -0.26
C THR A 135 10.43 -4.82 1.13
N PHE A 136 9.21 -4.31 1.24
CA PHE A 136 8.69 -3.82 2.51
C PHE A 136 7.16 -3.82 2.44
N THR A 137 6.54 -3.77 3.61
CA THR A 137 5.09 -3.73 3.73
C THR A 137 4.65 -2.37 4.25
N VAL A 138 3.54 -1.86 3.71
CA VAL A 138 2.99 -0.58 4.11
C VAL A 138 1.49 -0.71 4.28
N VAL A 139 0.91 0.24 5.02
CA VAL A 139 -0.53 0.33 5.22
C VAL A 139 -1.01 1.57 4.49
N MET A 140 -2.04 1.41 3.65
CA MET A 140 -2.60 2.55 2.94
C MET A 140 -3.27 3.49 3.95
N ARG A 141 -2.77 4.71 4.03
CA ARG A 141 -3.23 5.66 5.02
C ARG A 141 -4.55 6.30 4.59
N PRO A 142 -5.31 6.87 5.54
CA PRO A 142 -6.60 7.48 5.18
C PRO A 142 -6.50 8.57 4.13
N ASN A 143 -5.39 9.30 4.08
CA ASN A 143 -5.19 10.30 3.03
C ASN A 143 -4.74 9.68 1.71
N TYR A 144 -4.81 8.35 1.59
CA TYR A 144 -4.43 7.63 0.38
C TYR A 144 -2.97 7.90 -0.01
N THR A 145 -2.11 7.98 1.00
CA THR A 145 -0.66 7.98 0.83
C THR A 145 -0.10 6.77 1.59
N ILE A 146 1.18 6.50 1.36
CA ILE A 146 1.87 5.43 2.09
C ILE A 146 3.21 5.97 2.59
N LYS A 147 3.62 5.47 3.75
CA LYS A 147 4.93 5.81 4.33
C LYS A 147 5.94 4.77 3.86
N GLY A 148 6.40 4.95 2.62
CA GLY A 148 7.32 4.02 2.00
C GLY A 148 8.74 4.56 1.93
N SER A 149 9.59 3.82 1.23
CA SER A 149 10.98 4.19 0.99
C SER A 149 11.21 4.13 -0.51
N PHE A 150 11.07 5.28 -1.17
CA PHE A 150 11.22 5.37 -2.62
C PHE A 150 12.18 6.49 -2.97
N LEU A 151 12.94 6.28 -4.05
CA LEU A 151 13.87 7.29 -4.54
C LEU A 151 13.67 7.50 -6.03
N CYS A 152 14.54 8.31 -6.65
CA CYS A 152 14.45 8.55 -8.08
C CYS A 152 14.68 7.25 -8.84
N GLY A 153 13.79 6.96 -9.80
CA GLY A 153 13.85 5.74 -10.56
C GLY A 153 13.06 4.59 -9.99
N SER A 154 12.44 4.76 -8.82
CA SER A 154 11.64 3.70 -8.21
C SER A 154 10.23 3.63 -8.79
N CYS A 155 9.84 4.57 -9.64
CA CYS A 155 8.52 4.51 -10.26
C CYS A 155 8.39 3.27 -11.12
N GLY A 156 7.22 2.64 -11.04
CA GLY A 156 7.00 1.33 -11.61
C GLY A 156 7.09 0.21 -10.60
N SER A 157 7.64 0.48 -9.41
CA SER A 157 7.60 -0.49 -8.33
C SER A 157 6.15 -0.81 -7.98
N VAL A 158 5.88 -2.08 -7.71
CA VAL A 158 4.52 -2.57 -7.60
C VAL A 158 4.21 -2.89 -6.14
N GLY A 159 2.95 -2.70 -5.77
CA GLY A 159 2.41 -3.12 -4.48
C GLY A 159 1.38 -4.20 -4.70
N TYR A 160 1.41 -5.24 -3.85
CA TYR A 160 0.60 -6.41 -4.09
C TYR A 160 0.19 -7.06 -2.78
N THR A 161 -0.93 -7.77 -2.82
CA THR A 161 -1.37 -8.65 -1.75
C THR A 161 -1.46 -10.07 -2.29
N LYS A 162 -1.40 -11.04 -1.39
CA LYS A 162 -1.44 -12.45 -1.76
C LYS A 162 -2.58 -13.15 -1.03
N GLU A 163 -3.42 -13.84 -1.79
CA GLU A 163 -4.49 -14.68 -1.25
C GLU A 163 -4.27 -16.08 -1.83
N GLY A 164 -3.48 -16.88 -1.13
CA GLY A 164 -3.11 -18.19 -1.65
C GLY A 164 -1.94 -18.07 -2.60
N SER A 165 -2.05 -18.72 -3.75
CA SER A 165 -1.05 -18.62 -4.81
C SER A 165 -1.32 -17.45 -5.75
N VAL A 166 -2.41 -16.72 -5.55
CA VAL A 166 -2.81 -15.64 -6.44
C VAL A 166 -2.30 -14.33 -5.88
N ILE A 167 -1.66 -13.52 -6.73
CA ILE A 167 -1.11 -12.23 -6.35
C ILE A 167 -2.06 -11.14 -6.85
N ASN A 168 -2.59 -10.35 -5.92
CA ASN A 168 -3.50 -9.25 -6.27
C ASN A 168 -2.69 -7.96 -6.30
N PHE A 169 -2.36 -7.50 -7.51
CA PHE A 169 -1.63 -6.25 -7.66
C PHE A 169 -2.54 -5.07 -7.37
N CYS A 170 -2.07 -4.13 -6.56
CA CYS A 170 -2.93 -3.05 -6.10
C CYS A 170 -2.26 -1.68 -6.12
N TYR A 171 -0.99 -1.56 -6.51
CA TYR A 171 -0.30 -0.29 -6.37
C TYR A 171 0.87 -0.24 -7.34
N MET A 172 1.04 0.90 -8.00
CA MET A 172 2.23 1.19 -8.79
C MET A 172 2.72 2.58 -8.42
N HIS A 173 3.98 2.67 -8.00
CA HIS A 173 4.52 3.92 -7.47
C HIS A 173 4.59 4.98 -8.56
N GLN A 174 4.16 6.19 -8.24
CA GLN A 174 4.18 7.28 -9.20
C GLN A 174 4.90 8.53 -8.70
N MET A 175 4.73 8.91 -7.44
CA MET A 175 5.27 10.19 -7.00
C MET A 175 5.44 10.21 -5.49
N GLU A 176 6.25 11.18 -5.03
CA GLU A 176 6.51 11.42 -3.62
C GLU A 176 6.01 12.81 -3.24
N LEU A 177 5.35 12.91 -2.09
CA LEU A 177 4.79 14.17 -1.64
C LEU A 177 5.78 14.98 -0.81
N ALA A 178 5.38 16.20 -0.46
CA ALA A 178 6.24 17.08 0.30
C ALA A 178 6.50 16.54 1.70
N ASN A 179 5.52 15.87 2.30
CA ASN A 179 5.68 15.33 3.64
C ASN A 179 6.56 14.09 3.70
N GLY A 180 7.10 13.65 2.56
CA GLY A 180 7.92 12.46 2.52
C GLY A 180 7.15 11.19 2.27
N THR A 181 5.83 11.23 2.26
CA THR A 181 5.03 10.06 1.95
C THR A 181 4.98 9.84 0.44
N HIS A 182 4.33 8.76 0.03
CA HIS A 182 4.28 8.37 -1.37
C HIS A 182 2.86 7.98 -1.75
N THR A 183 2.54 8.15 -3.03
CA THR A 183 1.26 7.73 -3.57
C THR A 183 1.49 7.16 -4.97
N GLY A 184 0.52 6.39 -5.43
CA GLY A 184 0.61 5.77 -6.73
C GLY A 184 -0.75 5.53 -7.36
N SER A 185 -0.83 4.59 -8.27
CA SER A 185 -2.06 4.29 -8.98
C SER A 185 -2.38 2.81 -8.90
N ALA A 186 -3.68 2.51 -8.85
CA ALA A 186 -4.12 1.14 -9.05
C ALA A 186 -3.99 0.77 -10.52
N PHE A 187 -4.14 -0.52 -10.81
CA PHE A 187 -3.95 -0.99 -12.18
C PHE A 187 -5.18 -0.78 -13.06
N ASP A 188 -6.12 0.05 -12.62
CA ASP A 188 -7.17 0.56 -13.49
C ASP A 188 -6.84 1.95 -14.01
N GLY A 189 -5.68 2.51 -13.66
CA GLY A 189 -5.25 3.80 -14.12
C GLY A 189 -5.53 4.95 -13.17
N THR A 190 -6.27 4.72 -12.10
CA THR A 190 -6.64 5.79 -11.17
C THR A 190 -5.60 5.93 -10.07
N MET A 191 -5.13 7.16 -9.86
CA MET A 191 -4.26 7.43 -8.73
C MET A 191 -5.07 7.41 -7.43
N TYR A 192 -4.46 6.92 -6.36
CA TYR A 192 -5.15 6.83 -5.08
C TYR A 192 -5.40 8.23 -4.53
N GLY A 193 -6.62 8.45 -4.05
CA GLY A 193 -7.01 9.78 -3.60
C GLY A 193 -7.25 10.71 -4.77
N ALA A 194 -7.14 12.01 -4.48
CA ALA A 194 -7.32 13.06 -5.48
C ALA A 194 -6.00 13.50 -6.10
N PHE A 195 -5.02 12.62 -6.17
CA PHE A 195 -3.69 12.98 -6.64
C PHE A 195 -3.60 12.84 -8.15
N MET A 196 -2.69 13.63 -8.75
CA MET A 196 -2.46 13.62 -10.19
C MET A 196 -0.98 13.44 -10.45
N ASP A 197 -0.65 12.71 -11.53
CA ASP A 197 0.74 12.42 -11.86
C ASP A 197 1.33 13.62 -12.60
N LYS A 198 1.47 14.71 -11.87
CA LYS A 198 2.09 15.94 -12.36
C LYS A 198 3.07 16.45 -11.30
N GLN A 199 4.22 16.96 -11.76
CA GLN A 199 5.26 17.43 -10.85
C GLN A 199 4.91 18.83 -10.34
N VAL A 200 3.89 18.88 -9.50
CA VAL A 200 3.46 20.10 -8.83
C VAL A 200 3.10 19.77 -7.40
N HIS A 201 3.10 20.80 -6.55
CA HIS A 201 2.59 20.64 -5.19
C HIS A 201 1.08 20.44 -5.24
N GLN A 202 0.61 19.41 -4.55
CA GLN A 202 -0.80 19.07 -4.53
C GLN A 202 -1.31 19.02 -3.10
N VAL A 203 -2.57 19.43 -2.91
CA VAL A 203 -3.17 19.41 -1.59
C VAL A 203 -3.32 17.97 -1.12
N GLN A 204 -2.81 17.69 0.07
CA GLN A 204 -2.89 16.36 0.67
C GLN A 204 -3.93 16.37 1.77
N LEU A 205 -4.81 15.37 1.75
CA LEU A 205 -5.81 15.24 2.81
C LEU A 205 -5.14 14.91 4.13
N THR A 206 -5.87 15.14 5.22
CA THR A 206 -5.34 14.84 6.53
C THR A 206 -5.17 13.33 6.71
N ASP A 207 -4.18 12.97 7.54
CA ASP A 207 -3.98 11.58 7.91
C ASP A 207 -4.69 11.31 9.23
N LYS A 208 -5.18 10.08 9.38
CA LYS A 208 -5.96 9.70 10.55
C LYS A 208 -5.47 8.38 11.11
N TYR A 209 -5.66 8.20 12.42
CA TYR A 209 -5.40 6.92 13.04
C TYR A 209 -6.39 5.89 12.53
N CYS A 210 -5.91 4.72 12.13
CA CYS A 210 -6.78 3.63 11.69
CA CYS A 210 -6.79 3.64 11.69
C CYS A 210 -7.30 2.92 12.93
N SER A 211 -8.60 3.06 13.20
CA SER A 211 -9.17 2.50 14.42
C SER A 211 -9.11 0.97 14.43
N VAL A 212 -9.41 0.34 13.30
CA VAL A 212 -9.42 -1.12 13.26
C VAL A 212 -8.02 -1.68 13.47
N ASN A 213 -6.97 -0.91 13.12
CA ASN A 213 -5.62 -1.37 13.32
C ASN A 213 -5.11 -1.10 14.74
N VAL A 214 -5.55 0.01 15.34
CA VAL A 214 -5.22 0.27 16.74
C VAL A 214 -5.89 -0.76 17.64
N VAL A 215 -7.12 -1.15 17.33
CA VAL A 215 -7.81 -2.19 18.08
C VAL A 215 -7.05 -3.50 17.97
N ALA A 216 -6.57 -3.84 16.77
CA ALA A 216 -5.77 -5.04 16.59
C ALA A 216 -4.49 -4.97 17.41
N TRP A 217 -3.82 -3.81 17.40
CA TRP A 217 -2.59 -3.67 18.16
C TRP A 217 -2.82 -3.79 19.66
N LEU A 218 -3.96 -3.28 20.14
CA LEU A 218 -4.31 -3.46 21.54
C LEU A 218 -4.61 -4.92 21.86
N TYR A 219 -5.25 -5.63 20.93
CA TYR A 219 -5.49 -7.05 21.13
C TYR A 219 -4.18 -7.84 21.19
N ALA A 220 -3.21 -7.45 20.36
CA ALA A 220 -1.92 -8.14 20.36
C ALA A 220 -1.24 -8.00 21.72
N ALA A 221 -1.38 -6.84 22.37
CA ALA A 221 -0.82 -6.66 23.69
C ALA A 221 -1.44 -7.62 24.70
N ILE A 222 -2.76 -7.81 24.62
CA ILE A 222 -3.44 -8.75 25.50
C ILE A 222 -2.95 -10.17 25.23
N LEU A 223 -2.73 -10.52 23.97
CA LEU A 223 -2.15 -11.81 23.61
C LEU A 223 -0.71 -11.96 24.06
N ASN A 224 -0.07 -10.87 24.49
CA ASN A 224 1.28 -10.92 25.04
C ASN A 224 1.32 -10.61 26.53
N GLY A 225 0.16 -10.63 27.20
CA GLY A 225 0.09 -10.40 28.63
C GLY A 225 -0.05 -8.95 29.05
N CYS A 226 -0.08 -8.01 28.11
CA CYS A 226 -0.20 -6.59 28.42
C CYS A 226 -1.68 -6.21 28.29
N ALA A 227 -2.36 -6.08 29.44
CA ALA A 227 -3.77 -5.73 29.45
C ALA A 227 -4.11 -4.76 30.57
N TRP A 228 -3.16 -3.90 30.94
CA TRP A 228 -3.44 -2.91 31.98
C TRP A 228 -4.43 -1.85 31.49
N PHE A 229 -4.47 -1.60 30.18
CA PHE A 229 -5.39 -0.63 29.62
C PHE A 229 -6.83 -1.13 29.57
N VAL A 230 -7.05 -2.43 29.73
CA VAL A 230 -8.39 -3.00 29.64
C VAL A 230 -9.14 -2.71 30.93
N LYS A 231 -10.27 -2.01 30.80
CA LYS A 231 -11.16 -1.73 31.91
C LYS A 231 -12.56 -2.21 31.53
N PRO A 232 -13.39 -2.53 32.53
CA PRO A 232 -14.74 -3.03 32.22
C PRO A 232 -15.62 -2.02 31.48
N ASN A 233 -15.26 -0.73 31.51
CA ASN A 233 -16.03 0.27 30.78
C ASN A 233 -15.95 0.00 29.27
N ARG A 234 -17.05 0.29 28.59
CA ARG A 234 -17.17 0.04 27.16
C ARG A 234 -17.71 1.27 26.45
N THR A 235 -17.33 1.43 25.19
CA THR A 235 -17.82 2.51 24.34
C THR A 235 -18.33 1.91 23.03
N SER A 236 -19.57 2.20 22.69
CA SER A 236 -20.19 1.61 21.51
C SER A 236 -19.52 2.12 20.23
N VAL A 237 -19.70 1.36 19.16
CA VAL A 237 -19.11 1.73 17.87
C VAL A 237 -19.69 3.05 17.37
N VAL A 238 -21.00 3.22 17.50
CA VAL A 238 -21.63 4.46 17.04
CA VAL A 238 -21.63 4.46 17.04
C VAL A 238 -21.11 5.66 17.82
N SER A 239 -20.99 5.53 19.14
CA SER A 239 -20.46 6.63 19.95
C SER A 239 -18.99 6.86 19.67
N PHE A 240 -18.22 5.79 19.49
CA PHE A 240 -16.79 5.94 19.16
C PHE A 240 -16.61 6.63 17.81
N ASN A 241 -17.41 6.24 16.82
CA ASN A 241 -17.29 6.85 15.50
C ASN A 241 -17.60 8.34 15.53
N GLU A 242 -18.59 8.72 16.34
CA GLU A 242 -18.85 10.15 16.55
C GLU A 242 -17.66 10.82 17.21
N TRP A 243 -17.05 10.17 18.20
CA TRP A 243 -15.84 10.69 18.82
C TRP A 243 -14.67 10.71 17.85
N ALA A 244 -14.58 9.68 16.99
CA ALA A 244 -13.47 9.60 16.04
C ALA A 244 -13.50 10.75 15.04
N LEU A 245 -14.70 11.20 14.67
CA LEU A 245 -14.82 12.28 13.68
C LEU A 245 -14.24 13.60 14.17
N ALA A 246 -14.15 13.80 15.49
CA ALA A 246 -13.63 15.04 16.06
C ALA A 246 -12.23 14.86 16.64
N ASN A 247 -11.58 13.72 16.41
CA ASN A 247 -10.27 13.47 17.02
C ASN A 247 -9.28 12.85 16.04
N GLN A 248 -9.49 13.02 14.73
CA GLN A 248 -8.57 12.52 13.71
C GLN A 248 -8.41 11.00 13.76
N PHE A 249 -9.49 10.30 14.10
CA PHE A 249 -9.53 8.84 14.08
C PHE A 249 -10.50 8.40 13.00
N THR A 250 -10.17 7.31 12.30
CA THR A 250 -11.08 6.74 11.33
C THR A 250 -12.26 6.08 12.05
N GLU A 251 -13.41 6.07 11.39
CA GLU A 251 -14.58 5.39 11.94
C GLU A 251 -14.35 3.88 11.90
N PHE A 252 -14.65 3.22 13.01
CA PHE A 252 -14.36 1.79 13.15
C PHE A 252 -15.45 0.95 12.50
N VAL A 253 -15.03 -0.03 11.70
CA VAL A 253 -15.92 -1.02 11.12
C VAL A 253 -15.37 -2.39 11.48
N GLY A 254 -16.13 -3.16 12.27
CA GLY A 254 -15.66 -4.45 12.70
C GLY A 254 -15.61 -5.45 11.55
N THR A 255 -14.68 -6.40 11.67
CA THR A 255 -14.52 -7.46 10.69
C THR A 255 -14.47 -8.80 11.42
N GLN A 256 -14.56 -9.88 10.63
CA GLN A 256 -14.45 -11.22 11.22
C GLN A 256 -13.10 -11.41 11.89
N SER A 257 -12.03 -10.86 11.30
CA SER A 257 -10.72 -10.98 11.90
CA SER A 257 -10.72 -10.98 11.90
C SER A 257 -10.66 -10.33 13.28
N VAL A 258 -11.28 -9.16 13.42
CA VAL A 258 -11.34 -8.52 14.73
C VAL A 258 -12.16 -9.35 15.70
N ASP A 259 -13.22 -10.00 15.20
CA ASP A 259 -14.05 -10.84 16.05
C ASP A 259 -13.28 -12.04 16.57
N MET A 260 -12.40 -12.62 15.75
CA MET A 260 -11.57 -13.73 16.20
C MET A 260 -10.67 -13.30 17.36
N LEU A 261 -10.06 -12.12 17.25
CA LEU A 261 -9.21 -11.62 18.32
C LEU A 261 -10.02 -11.39 19.59
N ALA A 262 -11.23 -10.84 19.45
CA ALA A 262 -12.08 -10.64 20.62
C ALA A 262 -12.46 -11.97 21.27
N VAL A 263 -12.78 -12.98 20.45
CA VAL A 263 -13.18 -14.28 20.99
C VAL A 263 -12.01 -14.92 21.73
N LYS A 264 -10.82 -14.89 21.13
CA LYS A 264 -9.66 -15.55 21.75
C LYS A 264 -9.27 -14.87 23.05
N THR A 265 -9.22 -13.53 23.05
CA THR A 265 -8.79 -12.81 24.24
C THR A 265 -9.88 -12.76 25.31
N GLY A 266 -11.14 -12.79 24.91
CA GLY A 266 -12.22 -12.56 25.85
C GLY A 266 -12.48 -11.11 26.16
N VAL A 267 -11.92 -10.19 25.38
CA VAL A 267 -12.08 -8.75 25.57
C VAL A 267 -12.91 -8.21 24.41
N ALA A 268 -13.96 -7.47 24.74
CA ALA A 268 -14.85 -6.94 23.72
C ALA A 268 -14.20 -5.78 22.97
N ILE A 269 -14.65 -5.57 21.73
CA ILE A 269 -14.15 -4.45 20.94
C ILE A 269 -14.49 -3.13 21.60
N GLU A 270 -15.72 -3.01 22.11
CA GLU A 270 -16.16 -1.77 22.74
C GLU A 270 -15.33 -1.44 23.98
N GLN A 271 -14.78 -2.47 24.64
CA GLN A 271 -13.85 -2.22 25.74
C GLN A 271 -12.59 -1.51 25.23
N LEU A 272 -12.07 -1.95 24.08
CA LEU A 272 -10.86 -1.34 23.54
C LEU A 272 -11.15 0.02 22.92
N LEU A 273 -12.35 0.22 22.37
CA LEU A 273 -12.71 1.53 21.84
C LEU A 273 -12.72 2.58 22.95
N TYR A 274 -13.24 2.22 24.13
CA TYR A 274 -13.14 3.09 25.28
C TYR A 274 -11.68 3.31 25.68
N ALA A 275 -10.87 2.25 25.62
CA ALA A 275 -9.46 2.37 25.96
C ALA A 275 -8.74 3.33 25.02
N ILE A 276 -9.02 3.24 23.72
CA ILE A 276 -8.37 4.12 22.75
C ILE A 276 -8.70 5.57 23.06
N GLN A 277 -9.95 5.85 23.44
CA GLN A 277 -10.33 7.20 23.79
C GLN A 277 -9.50 7.73 24.95
N GLN A 278 -9.29 6.90 25.98
CA GLN A 278 -8.50 7.33 27.12
C GLN A 278 -6.99 7.25 26.83
N LEU A 279 -6.56 6.28 26.01
CA LEU A 279 -5.15 6.23 25.62
C LEU A 279 -4.78 7.37 24.69
N TYR A 280 -5.74 7.88 23.92
CA TYR A 280 -5.48 9.04 23.08
C TYR A 280 -5.15 10.28 23.92
N THR A 281 -5.83 10.43 25.06
CA THR A 281 -5.53 11.54 25.95
C THR A 281 -4.15 11.41 26.58
N GLY A 282 -3.58 10.21 26.62
CA GLY A 282 -2.25 10.03 27.16
C GLY A 282 -2.01 8.66 27.77
N PHE A 283 -0.83 8.09 27.53
CA PHE A 283 -0.47 6.81 28.13
C PHE A 283 -0.13 6.93 29.61
N GLN A 284 0.06 8.15 30.11
CA GLN A 284 0.29 8.41 31.53
C GLN A 284 1.52 7.68 32.06
N GLY A 285 2.61 7.74 31.28
CA GLY A 285 3.87 7.19 31.69
C GLY A 285 4.01 5.69 31.54
N LYS A 286 2.95 4.99 31.16
CA LYS A 286 3.02 3.56 30.92
C LYS A 286 3.26 3.29 29.44
N GLN A 287 3.55 2.02 29.14
CA GLN A 287 3.87 1.61 27.77
C GLN A 287 3.06 0.38 27.40
N ILE A 288 2.77 0.28 26.10
CA ILE A 288 2.09 -0.88 25.52
C ILE A 288 2.97 -1.42 24.40
N LEU A 289 3.44 -2.65 24.55
CA LEU A 289 4.33 -3.28 23.58
C LEU A 289 5.56 -2.42 23.31
N GLY A 290 6.05 -1.76 24.37
CA GLY A 290 7.21 -0.91 24.24
C GLY A 290 6.98 0.41 23.56
N SER A 291 5.74 0.89 23.51
CA SER A 291 5.42 2.14 22.84
C SER A 291 4.57 3.02 23.75
N THR A 292 4.71 4.33 23.59
CA THR A 292 3.90 5.30 24.31
C THR A 292 2.82 5.93 23.44
N MET A 293 2.69 5.50 22.18
CA MET A 293 1.66 6.00 21.29
C MET A 293 0.92 4.82 20.66
N LEU A 294 -0.31 5.09 20.23
CA LEU A 294 -1.10 4.07 19.57
C LEU A 294 -0.55 3.78 18.18
N GLU A 295 -0.48 2.50 17.83
CA GLU A 295 0.07 2.05 16.56
C GLU A 295 -1.05 1.52 15.67
N ASP A 296 -1.14 2.04 14.45
CA ASP A 296 -2.13 1.60 13.48
C ASP A 296 -1.48 0.99 12.24
N GLU A 297 -0.23 0.57 12.34
CA GLU A 297 0.48 -0.01 11.21
C GLU A 297 0.41 -1.53 11.18
N PHE A 298 -0.34 -2.15 12.10
CA PHE A 298 -0.54 -3.59 12.11
C PHE A 298 -2.03 -3.88 11.97
N THR A 299 -2.37 -4.65 10.95
CA THR A 299 -3.75 -5.00 10.67
C THR A 299 -4.22 -6.15 11.57
N PRO A 300 -5.54 -6.31 11.73
CA PRO A 300 -6.04 -7.48 12.47
C PRO A 300 -5.58 -8.80 11.89
N GLU A 301 -5.45 -8.88 10.56
CA GLU A 301 -4.95 -10.09 9.94
C GLU A 301 -3.48 -10.33 10.28
N ASP A 302 -2.70 -9.26 10.46
CA ASP A 302 -1.31 -9.42 10.88
C ASP A 302 -1.22 -10.04 12.28
N VAL A 303 -2.02 -9.53 13.21
CA VAL A 303 -2.04 -10.09 14.56
C VAL A 303 -2.57 -11.52 14.53
N ASN A 304 -3.59 -11.76 13.70
CA ASN A 304 -4.13 -13.11 13.57
C ASN A 304 -3.09 -14.08 13.04
N MET A 305 -2.28 -13.65 12.06
CA MET A 305 -1.35 -14.54 11.40
C MET A 305 -0.05 -14.69 12.18
N GLN A 306 0.55 -13.57 12.60
CA GLN A 306 1.89 -13.62 13.16
C GLN A 306 1.92 -14.20 14.57
N ILE A 307 0.88 -13.95 15.36
CA ILE A 307 0.86 -14.35 16.76
C ILE A 307 0.15 -15.69 16.96
N MET A 308 -0.99 -15.89 16.29
CA MET A 308 -1.79 -17.09 16.48
C MET A 308 -1.75 -18.05 15.29
N GLY A 309 -1.04 -17.71 14.22
CA GLY A 309 -0.96 -18.59 13.08
C GLY A 309 -2.27 -18.81 12.35
N VAL A 310 -3.17 -17.84 12.39
CA VAL A 310 -4.49 -17.94 11.81
C VAL A 310 -4.52 -17.06 10.56
N VAL A 311 -4.65 -17.68 9.39
CA VAL A 311 -4.68 -16.95 8.14
C VAL A 311 -6.06 -17.04 7.50
#